data_6HUN
#
_entry.id   6HUN
#
_cell.length_a   75.412
_cell.length_b   69.866
_cell.length_c   94.494
_cell.angle_alpha   90.000
_cell.angle_beta   112.620
_cell.angle_gamma   90.000
#
_symmetry.space_group_name_H-M   'I 1 2 1'
#
loop_
_entity.id
_entity.type
_entity.pdbx_description
1 polymer 'Ribulose bisphosphate carboxylase'
2 non-polymer 'CALCIUM ION'
3 water water
#
_entity_poly.entity_id   1
_entity_poly.type   'polypeptide(L)'
_entity_poly.pdbx_seq_one_letter_code
;MGHHHHHHGENLYFQGSMHEHFDSIYLEFVDESYKPGKDEVIAVFRVTPAQGISIKDAAGRIAAESSVGTWTTLSVKPSW
FEKLKAKAYRFHDLGDGSWLVWVAYPVELFEEGSIPNFASSILGNIFGMKAIAGLRVEDVYFPPSYLETFPGPNKGIQGV
REILGIKDRPILATVPKPKLGYTPEEYGRVAYEILIGGIDLVKDDENFASQPFCRFEARLKEVMKAIDRAEKETGERKGY
LANVTAPIREMEKRIKLVADYGNKFIMIDFLTAGWAALQHARELAEEYDLAIHGHRAFHAAFTRNPKHGVSMFLVAKLAR
MAGVDHVHVGTPGVGKMDAKTREVLEHTRIVREQYYRPKEGDLFHLEQPWSNIKPVFPVASGGLHPGTLPEVIRVMGKDI
IMQVGGGVLGHPDGPEAGARAVRQAVEAAMKGISLDEYAREHRELARALEKWGYVRPV
;
_entity_poly.pdbx_strand_id   A
#
# COMPACT_ATOMS: atom_id res chain seq x y z
N SER A 24 29.61 -3.44 -25.09
CA SER A 24 29.85 -4.53 -26.04
C SER A 24 30.01 -5.86 -25.30
N ILE A 25 30.65 -5.84 -24.13
CA ILE A 25 30.47 -6.94 -23.19
C ILE A 25 29.01 -7.00 -22.76
N TYR A 26 28.27 -5.93 -23.00
CA TYR A 26 26.90 -5.82 -22.53
C TYR A 26 25.88 -6.33 -23.54
N LEU A 27 26.33 -6.61 -24.78
CA LEU A 27 25.48 -7.30 -25.77
C LEU A 27 25.14 -8.70 -25.31
N GLU A 28 26.00 -9.30 -24.49
CA GLU A 28 25.82 -10.65 -23.98
C GLU A 28 24.57 -10.78 -23.09
N PHE A 29 23.98 -9.68 -22.66
CA PHE A 29 22.82 -9.72 -21.78
C PHE A 29 21.51 -9.40 -22.48
N VAL A 30 21.54 -9.21 -23.79
CA VAL A 30 20.40 -8.85 -24.62
C VAL A 30 20.14 -10.02 -25.56
N ASP A 31 18.86 -10.32 -25.83
CA ASP A 31 18.49 -11.45 -26.68
C ASP A 31 17.02 -11.38 -27.06
N GLU A 32 16.69 -10.67 -28.13
CA GLU A 32 15.28 -10.46 -28.43
C GLU A 32 14.58 -11.69 -28.96
N SER A 33 15.28 -12.81 -29.07
CA SER A 33 14.66 -14.08 -29.45
C SER A 33 14.34 -14.93 -28.25
N TYR A 34 14.67 -14.45 -27.06
CA TYR A 34 14.42 -15.25 -25.87
C TYR A 34 12.94 -15.16 -25.47
N LYS A 35 12.45 -16.27 -24.92
CA LYS A 35 11.08 -16.37 -24.42
C LYS A 35 11.19 -16.90 -22.99
N PRO A 36 11.06 -16.05 -21.98
CA PRO A 36 11.05 -16.57 -20.61
C PRO A 36 9.85 -17.48 -20.38
N GLY A 37 10.05 -18.53 -19.58
CA GLY A 37 8.92 -19.35 -19.16
C GLY A 37 8.04 -18.59 -18.18
N LYS A 38 7.12 -19.32 -17.55
CA LYS A 38 6.34 -18.71 -16.46
C LYS A 38 7.10 -18.74 -15.13
N ASP A 39 8.32 -19.29 -15.09
CA ASP A 39 9.06 -19.53 -13.85
C ASP A 39 10.23 -18.57 -13.62
N GLU A 40 10.34 -17.50 -14.39
CA GLU A 40 11.39 -16.51 -14.22
C GLU A 40 10.75 -15.25 -13.68
N VAL A 41 11.50 -14.49 -12.88
CA VAL A 41 11.05 -13.13 -12.55
C VAL A 41 11.21 -12.25 -13.79
N ILE A 42 10.20 -11.43 -14.08
CA ILE A 42 10.22 -10.52 -15.21
C ILE A 42 10.06 -9.10 -14.67
N ALA A 43 10.97 -8.20 -15.02
CA ALA A 43 10.83 -6.77 -14.71
C ALA A 43 10.56 -6.00 -15.99
N VAL A 44 9.69 -4.99 -15.94
CA VAL A 44 9.51 -4.07 -17.04
C VAL A 44 9.95 -2.67 -16.58
N PHE A 45 10.94 -2.14 -17.29
CA PHE A 45 11.59 -0.88 -16.96
C PHE A 45 11.24 0.13 -18.03
N ARG A 46 11.09 1.38 -17.64
CA ARG A 46 11.01 2.47 -18.62
C ARG A 46 12.37 3.18 -18.61
N VAL A 47 13.10 3.09 -19.72
CA VAL A 47 14.53 3.41 -19.76
C VAL A 47 14.71 4.59 -20.70
N THR A 48 15.35 5.63 -20.18
CA THR A 48 15.82 6.77 -20.97
C THR A 48 17.34 6.73 -21.01
N PRO A 49 17.93 6.25 -22.09
CA PRO A 49 19.40 6.17 -22.14
C PRO A 49 19.99 7.56 -22.10
N ALA A 50 21.20 7.64 -21.55
CA ALA A 50 21.92 8.89 -21.52
C ALA A 50 22.31 9.28 -22.94
N GLN A 51 22.82 10.49 -23.10
CA GLN A 51 23.21 10.92 -24.45
C GLN A 51 24.28 10.00 -25.00
N GLY A 52 24.08 9.51 -26.22
CA GLY A 52 25.09 8.74 -26.91
C GLY A 52 25.02 7.25 -26.66
N ILE A 53 24.15 6.82 -25.74
CA ILE A 53 24.01 5.41 -25.37
C ILE A 53 22.82 4.84 -26.12
N SER A 54 23.01 3.71 -26.80
CA SER A 54 21.87 3.07 -27.45
C SER A 54 21.02 2.31 -26.43
N ILE A 55 19.74 2.08 -26.78
CA ILE A 55 18.83 1.41 -25.84
C ILE A 55 19.31 -0.01 -25.56
N LYS A 56 19.84 -0.67 -26.59
CA LYS A 56 20.34 -2.01 -26.36
C LYS A 56 21.51 -2.00 -25.40
N ASP A 57 22.40 -1.01 -25.55
CA ASP A 57 23.52 -0.85 -24.61
C ASP A 57 23.01 -0.60 -23.18
N ALA A 58 22.09 0.38 -23.03
CA ALA A 58 21.55 0.68 -21.71
C ALA A 58 20.90 -0.56 -21.11
N ALA A 59 20.19 -1.33 -21.96
CA ALA A 59 19.43 -2.47 -21.46
C ALA A 59 20.34 -3.60 -21.00
N GLY A 60 21.43 -3.85 -21.71
CA GLY A 60 22.37 -4.87 -21.25
C GLY A 60 23.09 -4.46 -19.98
N ARG A 61 23.36 -3.17 -19.84
CA ARG A 61 23.98 -2.69 -18.60
C ARG A 61 23.03 -2.86 -17.45
N ILE A 62 21.73 -2.56 -17.64
CA ILE A 62 20.74 -2.79 -16.59
C ILE A 62 20.68 -4.27 -16.22
N ALA A 63 20.60 -5.14 -17.23
CA ALA A 63 20.50 -6.58 -16.96
C ALA A 63 21.73 -7.09 -16.21
N ALA A 64 22.93 -6.65 -16.59
CA ALA A 64 24.16 -7.10 -15.94
C ALA A 64 24.25 -6.56 -14.51
N GLU A 65 23.99 -5.27 -14.35
CA GLU A 65 24.15 -4.67 -13.03
C GLU A 65 23.13 -5.23 -12.04
N SER A 66 21.91 -5.57 -12.48
CA SER A 66 20.92 -6.09 -11.58
C SER A 66 20.98 -7.61 -11.43
N SER A 67 22.04 -8.24 -11.96
CA SER A 67 22.19 -9.69 -11.75
C SER A 67 23.64 -10.02 -11.38
N VAL A 68 24.43 -10.55 -12.31
CA VAL A 68 25.74 -11.15 -11.99
C VAL A 68 26.90 -10.24 -12.34
N GLY A 69 26.64 -8.99 -12.75
CA GLY A 69 27.77 -8.15 -13.12
C GLY A 69 28.51 -8.68 -14.35
N THR A 70 29.76 -8.27 -14.45
CA THR A 70 30.59 -8.64 -15.59
C THR A 70 31.90 -9.26 -15.10
N TRP A 71 32.64 -9.80 -16.04
CA TRP A 71 34.01 -10.14 -15.70
C TRP A 71 34.89 -9.83 -16.90
N THR A 72 36.16 -9.54 -16.62
CA THR A 72 37.17 -9.40 -17.67
C THR A 72 37.94 -10.70 -17.83
N THR A 73 38.66 -11.13 -16.79
CA THR A 73 39.36 -12.41 -16.77
C THR A 73 38.92 -13.19 -15.52
N LEU A 74 38.95 -14.52 -15.62
CA LEU A 74 38.46 -15.37 -14.54
C LEU A 74 39.64 -16.07 -13.87
N SER A 75 39.86 -15.77 -12.58
CA SER A 75 40.89 -16.44 -11.79
C SER A 75 40.36 -17.62 -10.98
N VAL A 76 39.04 -17.78 -10.90
CA VAL A 76 38.39 -18.98 -10.38
C VAL A 76 37.04 -19.06 -11.09
N LYS A 77 36.64 -20.25 -11.54
CA LYS A 77 35.43 -20.36 -12.32
C LYS A 77 34.22 -20.05 -11.45
N PRO A 78 33.28 -19.16 -11.91
CA PRO A 78 31.97 -19.09 -11.27
C PRO A 78 31.00 -20.06 -11.92
N SER A 79 30.75 -21.20 -11.25
CA SER A 79 29.90 -22.23 -11.81
C SER A 79 28.45 -21.79 -12.00
N TRP A 80 28.06 -20.63 -11.47
CA TRP A 80 26.67 -20.19 -11.54
C TRP A 80 26.48 -18.91 -12.34
N PHE A 81 27.52 -18.42 -13.02
CA PHE A 81 27.41 -17.14 -13.72
C PHE A 81 26.39 -17.19 -14.86
N GLU A 82 26.60 -18.09 -15.84
CA GLU A 82 25.67 -18.15 -16.97
C GLU A 82 24.27 -18.53 -16.54
N LYS A 83 24.15 -19.33 -15.47
CA LYS A 83 22.86 -19.75 -14.93
C LYS A 83 22.10 -18.57 -14.31
N LEU A 84 22.79 -17.72 -13.55
CA LEU A 84 22.15 -16.63 -12.84
C LEU A 84 21.95 -15.38 -13.68
N LYS A 85 22.32 -15.38 -14.95
CA LYS A 85 22.40 -14.13 -15.68
C LYS A 85 21.04 -13.66 -16.20
N ALA A 86 20.78 -12.34 -16.09
CA ALA A 86 19.50 -11.78 -16.54
C ALA A 86 19.57 -11.40 -18.01
N LYS A 87 18.42 -11.41 -18.69
CA LYS A 87 18.38 -11.14 -20.12
C LYS A 87 17.32 -10.12 -20.47
N ALA A 88 17.74 -9.02 -21.13
CA ALA A 88 16.78 -8.13 -21.76
C ALA A 88 16.33 -8.79 -23.05
N TYR A 89 15.03 -9.06 -23.18
CA TYR A 89 14.53 -9.88 -24.28
C TYR A 89 13.47 -9.17 -25.10
N ARG A 90 13.21 -7.90 -24.82
CA ARG A 90 12.06 -7.28 -25.47
C ARG A 90 12.11 -5.80 -25.21
N PHE A 91 11.80 -5.04 -26.27
CA PHE A 91 11.93 -3.59 -26.34
C PHE A 91 10.66 -3.00 -26.95
N HIS A 92 10.23 -1.88 -26.40
CA HIS A 92 9.10 -1.13 -26.93
C HIS A 92 9.44 0.36 -26.87
N ASP A 93 9.54 0.97 -28.06
CA ASP A 93 9.88 2.38 -28.18
C ASP A 93 8.64 3.24 -27.89
N LEU A 94 8.71 4.10 -26.84
CA LEU A 94 7.57 4.91 -26.44
C LEU A 94 7.45 6.19 -27.27
N GLY A 95 8.42 6.45 -28.14
CA GLY A 95 8.42 7.55 -29.09
C GLY A 95 8.80 8.88 -28.48
N ASP A 96 9.27 8.88 -27.24
CA ASP A 96 9.55 10.11 -26.53
C ASP A 96 11.00 10.15 -26.04
N GLY A 97 11.85 9.25 -26.50
CA GLY A 97 13.17 9.14 -25.92
C GLY A 97 13.34 8.02 -24.92
N SER A 98 12.24 7.39 -24.48
CA SER A 98 12.30 6.30 -23.53
C SER A 98 11.68 5.06 -24.15
N TRP A 99 12.09 3.91 -23.62
CA TRP A 99 11.67 2.60 -24.08
C TRP A 99 11.16 1.80 -22.90
N LEU A 100 10.21 0.91 -23.16
CA LEU A 100 9.96 -0.17 -22.21
C LEU A 100 10.94 -1.28 -22.54
N VAL A 101 11.56 -1.83 -21.51
CA VAL A 101 12.46 -2.95 -21.63
C VAL A 101 12.00 -4.03 -20.68
N TRP A 102 11.81 -5.23 -21.20
CA TRP A 102 11.53 -6.37 -20.35
C TRP A 102 12.81 -7.13 -20.11
N VAL A 103 13.07 -7.45 -18.86
CA VAL A 103 14.25 -8.20 -18.45
C VAL A 103 13.77 -9.42 -17.67
N ALA A 104 14.29 -10.58 -18.05
CA ALA A 104 13.97 -11.83 -17.38
C ALA A 104 15.13 -12.23 -16.46
N TYR A 105 14.78 -12.69 -15.25
CA TYR A 105 15.71 -12.99 -14.14
C TYR A 105 15.49 -14.40 -13.64
N PRO A 106 16.53 -15.24 -13.59
CA PRO A 106 16.40 -16.55 -12.93
C PRO A 106 16.08 -16.42 -11.45
N VAL A 107 15.16 -17.25 -10.95
CA VAL A 107 14.70 -17.08 -9.56
C VAL A 107 15.82 -17.36 -8.55
N GLU A 108 16.83 -18.11 -8.95
CA GLU A 108 17.97 -18.38 -8.07
C GLU A 108 18.78 -17.13 -7.74
N LEU A 109 18.53 -16.01 -8.43
CA LEU A 109 19.20 -14.77 -8.02
C LEU A 109 18.73 -14.27 -6.66
N PHE A 110 17.51 -14.64 -6.22
CA PHE A 110 16.85 -13.95 -5.11
C PHE A 110 16.85 -14.83 -3.85
N GLU A 111 17.09 -14.23 -2.68
CA GLU A 111 16.94 -14.98 -1.45
C GLU A 111 15.46 -15.15 -1.13
N GLU A 112 15.09 -16.35 -0.68
CA GLU A 112 13.68 -16.62 -0.40
C GLU A 112 13.13 -15.66 0.63
N GLY A 113 11.91 -15.17 0.39
CA GLY A 113 11.21 -14.38 1.37
C GLY A 113 11.83 -13.04 1.76
N SER A 114 12.79 -12.51 0.99
CA SER A 114 13.51 -11.29 1.43
C SER A 114 13.18 -10.11 0.52
N ILE A 115 12.36 -9.14 0.95
CA ILE A 115 12.17 -7.94 0.15
C ILE A 115 13.46 -7.14 0.06
N PRO A 116 14.26 -7.00 1.12
CA PRO A 116 15.52 -6.27 0.96
C PRO A 116 16.41 -6.85 -0.11
N ASN A 117 16.50 -8.16 -0.22
CA ASN A 117 17.43 -8.66 -1.25
C ASN A 117 16.87 -8.43 -2.64
N PHE A 118 15.55 -8.55 -2.78
CA PHE A 118 14.91 -8.24 -4.07
C PHE A 118 15.19 -6.82 -4.47
N ALA A 119 14.98 -5.88 -3.52
CA ALA A 119 15.18 -4.47 -3.83
C ALA A 119 16.64 -4.17 -4.14
N SER A 120 17.58 -4.83 -3.47
N SER A 120 17.57 -4.85 -3.49
CA SER A 120 18.97 -4.49 -3.76
CA SER A 120 18.99 -4.57 -3.72
C SER A 120 19.36 -4.85 -5.19
C SER A 120 19.43 -4.97 -5.13
N SER A 121 18.65 -5.79 -5.82
CA SER A 121 18.90 -6.19 -7.21
C SER A 121 18.15 -5.29 -8.18
N ILE A 122 16.83 -5.39 -8.13
CA ILE A 122 15.97 -4.76 -9.15
C ILE A 122 15.68 -3.29 -8.84
N LEU A 123 15.82 -2.89 -7.57
CA LEU A 123 15.66 -1.47 -7.18
C LEU A 123 16.96 -0.89 -6.68
N GLY A 124 18.11 -1.35 -7.18
CA GLY A 124 19.33 -0.97 -6.47
C GLY A 124 20.21 -0.02 -7.26
N ASN A 125 21.44 -0.44 -7.58
CA ASN A 125 22.39 0.49 -8.21
C ASN A 125 21.99 0.93 -9.61
N ILE A 126 21.12 0.16 -10.26
CA ILE A 126 20.78 0.50 -11.66
C ILE A 126 20.26 1.94 -11.77
N PHE A 127 19.70 2.50 -10.69
CA PHE A 127 19.13 3.84 -10.82
C PHE A 127 20.20 4.90 -10.98
N GLY A 128 21.43 4.64 -10.48
CA GLY A 128 22.46 5.67 -10.58
C GLY A 128 23.49 5.46 -11.66
N MET A 129 23.27 4.55 -12.60
CA MET A 129 24.31 4.28 -13.59
C MET A 129 24.43 5.45 -14.57
N LYS A 130 25.67 5.77 -14.98
CA LYS A 130 25.90 6.92 -15.88
C LYS A 130 25.26 6.74 -17.26
N ALA A 131 25.09 5.50 -17.72
CA ALA A 131 24.48 5.24 -19.01
C ALA A 131 22.99 5.55 -19.04
N ILE A 132 22.39 5.82 -17.88
CA ILE A 132 20.95 5.97 -17.74
C ILE A 132 20.66 7.43 -17.41
N ALA A 133 19.80 8.07 -18.22
CA ALA A 133 19.30 9.38 -17.80
C ALA A 133 18.01 9.27 -16.96
N GLY A 134 17.23 8.22 -17.16
CA GLY A 134 16.07 7.92 -16.31
C GLY A 134 15.78 6.44 -16.32
N LEU A 135 15.35 5.90 -15.18
CA LEU A 135 15.04 4.47 -15.08
C LEU A 135 13.81 4.40 -14.16
N ARG A 136 12.67 3.99 -14.70
CA ARG A 136 11.51 3.74 -13.88
C ARG A 136 11.17 2.25 -13.85
N VAL A 137 11.01 1.70 -12.67
CA VAL A 137 10.63 0.29 -12.58
C VAL A 137 9.12 0.27 -12.55
N GLU A 138 8.51 -0.25 -13.62
CA GLU A 138 7.06 -0.13 -13.75
C GLU A 138 6.31 -1.29 -13.07
N ASP A 139 6.83 -2.51 -13.20
CA ASP A 139 6.17 -3.67 -12.65
C ASP A 139 7.16 -4.82 -12.63
N VAL A 140 6.84 -5.83 -11.84
CA VAL A 140 7.68 -7.04 -11.75
C VAL A 140 6.71 -8.18 -11.60
N TYR A 141 6.89 -9.21 -12.42
CA TYR A 141 6.12 -10.43 -12.36
C TYR A 141 6.88 -11.39 -11.47
N PHE A 142 6.20 -11.91 -10.45
CA PHE A 142 6.78 -12.86 -9.52
C PHE A 142 6.23 -14.25 -9.84
N PRO A 143 7.06 -15.24 -10.16
CA PRO A 143 6.52 -16.62 -10.42
C PRO A 143 6.09 -17.30 -9.13
N PRO A 144 5.23 -18.33 -9.22
CA PRO A 144 4.68 -18.94 -8.00
C PRO A 144 5.73 -19.40 -7.02
N SER A 145 6.84 -19.96 -7.48
CA SER A 145 7.79 -20.57 -6.55
C SER A 145 8.52 -19.51 -5.75
N TYR A 146 8.63 -18.31 -6.30
CA TYR A 146 9.22 -17.24 -5.55
C TYR A 146 8.17 -16.49 -4.74
N LEU A 147 7.00 -16.25 -5.36
CA LEU A 147 5.93 -15.50 -4.69
C LEU A 147 5.50 -16.22 -3.42
N GLU A 148 5.45 -17.56 -3.44
CA GLU A 148 5.02 -18.23 -2.22
C GLU A 148 6.05 -18.24 -1.11
N THR A 149 7.28 -17.70 -1.27
CA THR A 149 8.16 -17.58 -0.11
C THR A 149 7.80 -16.39 0.78
N PHE A 150 6.82 -15.56 0.35
CA PHE A 150 6.38 -14.41 1.10
C PHE A 150 5.03 -14.71 1.75
N PRO A 151 4.73 -14.15 2.93
CA PRO A 151 3.51 -14.61 3.66
C PRO A 151 2.24 -13.99 3.13
N GLY A 152 2.36 -12.77 2.60
CA GLY A 152 1.19 -11.97 2.27
C GLY A 152 0.47 -11.53 3.51
N PRO A 153 -0.71 -10.92 3.34
CA PRO A 153 -1.44 -10.40 4.48
C PRO A 153 -1.78 -11.52 5.46
N ASN A 154 -1.75 -11.15 6.75
CA ASN A 154 -2.12 -12.10 7.83
C ASN A 154 -3.63 -12.31 7.83
N LYS A 155 -4.36 -11.22 7.63
CA LYS A 155 -5.82 -11.22 7.76
C LYS A 155 -6.53 -10.99 6.44
N GLY A 156 -6.04 -10.07 5.65
CA GLY A 156 -6.68 -9.72 4.39
C GLY A 156 -8.03 -9.03 4.60
N ILE A 157 -8.70 -8.76 3.49
CA ILE A 157 -10.04 -8.16 3.53
C ILE A 157 -10.95 -8.96 4.45
N GLN A 158 -11.01 -10.26 4.24
CA GLN A 158 -12.01 -11.05 4.97
C GLN A 158 -11.66 -11.14 6.45
N GLY A 159 -10.37 -11.23 6.79
CA GLY A 159 -10.04 -11.30 8.19
C GLY A 159 -10.28 -10.01 8.93
N VAL A 160 -10.08 -8.85 8.26
CA VAL A 160 -10.38 -7.58 8.88
C VAL A 160 -11.89 -7.41 9.02
N ARG A 161 -12.63 -7.79 8.00
CA ARG A 161 -14.10 -7.71 8.15
C ARG A 161 -14.56 -8.55 9.34
N GLU A 162 -13.90 -9.68 9.54
CA GLU A 162 -14.38 -10.55 10.62
C GLU A 162 -13.99 -9.97 11.97
N ILE A 163 -12.79 -9.39 12.08
CA ILE A 163 -12.40 -8.64 13.28
C ILE A 163 -13.45 -7.58 13.65
N LEU A 164 -13.87 -6.80 12.69
CA LEU A 164 -14.79 -5.70 12.98
C LEU A 164 -16.27 -6.14 12.96
N GLY A 165 -16.57 -7.33 12.47
CA GLY A 165 -17.97 -7.73 12.30
C GLY A 165 -18.72 -6.92 11.26
N ILE A 166 -18.04 -6.47 10.20
CA ILE A 166 -18.60 -5.62 9.15
C ILE A 166 -18.63 -6.44 7.87
N LYS A 167 -19.82 -6.92 7.50
CA LYS A 167 -19.92 -7.94 6.47
C LYS A 167 -19.71 -7.41 5.05
N ASP A 168 -20.28 -6.21 4.69
CA ASP A 168 -20.46 -5.81 3.30
C ASP A 168 -20.04 -4.37 3.01
N ARG A 169 -20.39 -3.42 3.86
CA ARG A 169 -20.15 -2.01 3.59
C ARG A 169 -18.66 -1.69 3.65
N PRO A 170 -18.24 -0.53 3.10
CA PRO A 170 -16.87 -0.07 3.33
C PRO A 170 -16.62 0.21 4.80
N ILE A 171 -15.37 0.05 5.21
CA ILE A 171 -15.02 0.37 6.58
C ILE A 171 -14.56 1.83 6.63
N LEU A 172 -14.84 2.51 7.74
CA LEU A 172 -14.53 3.93 7.90
C LEU A 172 -13.43 4.16 8.93
N ALA A 173 -12.51 5.09 8.61
CA ALA A 173 -11.42 5.46 9.50
C ALA A 173 -11.29 6.98 9.59
N THR A 174 -10.83 7.48 10.73
CA THR A 174 -10.59 8.92 10.93
C THR A 174 -9.29 9.14 11.68
N VAL A 175 -8.46 10.04 11.17
CA VAL A 175 -7.34 10.65 11.89
C VAL A 175 -7.77 11.93 12.60
N PRO A 176 -7.52 12.07 13.90
CA PRO A 176 -7.82 13.31 14.61
C PRO A 176 -7.24 14.55 13.93
N LYS A 177 -7.87 15.67 14.19
CA LYS A 177 -7.33 16.95 13.82
C LYS A 177 -7.24 17.81 15.08
N PRO A 178 -6.10 18.46 15.35
CA PRO A 178 -4.87 18.38 14.54
C PRO A 178 -4.18 17.04 14.71
N LYS A 179 -3.26 16.69 13.82
CA LYS A 179 -2.67 15.35 13.89
C LYS A 179 -1.71 15.23 15.07
N LEU A 180 -1.18 16.34 15.59
CA LEU A 180 -0.37 16.29 16.80
C LEU A 180 -0.75 17.44 17.71
N GLY A 181 -0.50 17.25 19.01
CA GLY A 181 -0.73 18.31 19.99
C GLY A 181 -1.55 17.92 21.21
N TYR A 182 -2.08 16.70 21.21
CA TYR A 182 -2.93 16.17 22.28
C TYR A 182 -2.09 15.41 23.31
N THR A 183 -2.38 15.64 24.59
CA THR A 183 -1.87 14.74 25.61
C THR A 183 -2.63 13.41 25.54
N PRO A 184 -2.13 12.36 26.21
CA PRO A 184 -2.89 11.10 26.20
C PRO A 184 -4.33 11.30 26.65
N GLU A 185 -4.56 12.01 27.75
CA GLU A 185 -5.93 12.25 28.21
C GLU A 185 -6.75 12.91 27.11
N GLU A 186 -6.20 13.97 26.50
CA GLU A 186 -6.94 14.71 25.47
C GLU A 186 -7.20 13.86 24.25
N TYR A 187 -6.17 13.15 23.76
CA TYR A 187 -6.36 12.25 22.62
C TYR A 187 -7.46 11.21 22.87
N GLY A 188 -7.56 10.71 24.11
CA GLY A 188 -8.56 9.69 24.39
C GLY A 188 -9.99 10.21 24.31
N ARG A 189 -10.23 11.44 24.77
CA ARG A 189 -11.57 11.99 24.59
C ARG A 189 -11.89 12.23 23.11
N VAL A 190 -10.91 12.70 22.32
CA VAL A 190 -11.15 12.91 20.88
C VAL A 190 -11.56 11.61 20.21
N ALA A 191 -10.88 10.50 20.54
CA ALA A 191 -11.20 9.22 19.93
C ALA A 191 -12.61 8.77 20.29
N TYR A 192 -13.00 8.94 21.54
CA TYR A 192 -14.34 8.56 21.96
C TYR A 192 -15.40 9.16 21.05
N GLU A 193 -15.36 10.48 20.82
CA GLU A 193 -16.41 11.11 20.01
C GLU A 193 -16.44 10.53 18.61
N ILE A 194 -15.26 10.27 18.02
CA ILE A 194 -15.15 9.67 16.69
C ILE A 194 -15.86 8.32 16.66
N LEU A 195 -15.47 7.39 17.54
CA LEU A 195 -16.04 6.04 17.49
C LEU A 195 -17.52 6.04 17.85
N ILE A 196 -17.89 6.76 18.91
CA ILE A 196 -19.28 6.76 19.40
C ILE A 196 -20.30 7.09 18.32
N GLY A 197 -19.93 7.89 17.33
CA GLY A 197 -20.92 8.18 16.31
C GLY A 197 -20.94 7.27 15.10
N GLY A 198 -20.08 6.25 15.02
CA GLY A 198 -20.16 5.36 13.87
C GLY A 198 -18.86 5.08 13.11
N ILE A 199 -17.78 5.78 13.43
CA ILE A 199 -16.52 5.44 12.75
C ILE A 199 -16.00 4.14 13.37
N ASP A 200 -15.36 3.31 12.53
CA ASP A 200 -14.95 1.96 12.91
C ASP A 200 -13.53 1.95 13.46
N LEU A 201 -12.67 2.79 12.92
CA LEU A 201 -11.23 2.78 13.24
C LEU A 201 -10.77 4.20 13.50
N VAL A 202 -10.07 4.40 14.63
CA VAL A 202 -9.37 5.65 14.85
C VAL A 202 -7.93 5.43 14.45
N LYS A 203 -7.35 6.39 13.76
CA LYS A 203 -6.04 6.16 13.13
C LYS A 203 -5.06 7.21 13.58
N ASP A 204 -3.87 6.77 13.99
CA ASP A 204 -2.81 7.72 14.27
C ASP A 204 -2.34 8.34 12.97
N ASP A 205 -1.82 9.54 13.05
CA ASP A 205 -1.21 10.02 11.81
CA ASP A 205 -1.21 10.04 11.83
C ASP A 205 0.20 9.45 11.67
N GLU A 206 0.77 9.59 10.45
CA GLU A 206 2.02 8.92 10.10
C GLU A 206 3.20 9.35 10.96
N ASN A 207 3.16 10.53 11.54
CA ASN A 207 4.34 10.98 12.29
C ASN A 207 4.10 10.88 13.78
N PHE A 208 3.02 10.22 14.18
CA PHE A 208 2.82 9.93 15.60
C PHE A 208 3.63 8.69 15.91
N ALA A 209 4.42 8.75 16.98
CA ALA A 209 5.23 7.59 17.37
C ALA A 209 5.20 7.51 18.89
N SER A 210 6.30 7.85 19.57
CA SER A 210 6.25 7.97 21.00
C SER A 210 7.01 9.19 21.48
N GLN A 211 6.62 10.37 20.97
CA GLN A 211 7.20 11.62 21.45
C GLN A 211 6.86 11.85 22.92
N PRO A 212 7.67 12.67 23.62
CA PRO A 212 7.46 12.87 25.05
C PRO A 212 6.10 13.46 25.43
N PHE A 213 5.50 14.30 24.57
CA PHE A 213 4.26 14.93 25.02
C PHE A 213 3.10 13.94 25.04
N CYS A 214 3.28 12.76 24.47
CA CYS A 214 2.23 11.74 24.31
C CYS A 214 2.85 10.39 23.99
N ARG A 215 3.40 9.76 25.01
CA ARG A 215 4.08 8.50 24.84
C ARG A 215 3.12 7.41 24.42
N PHE A 216 3.70 6.41 23.75
CA PHE A 216 2.90 5.39 23.09
C PHE A 216 2.01 4.68 24.10
N GLU A 217 2.58 4.24 25.23
CA GLU A 217 1.82 3.43 26.16
C GLU A 217 0.69 4.23 26.80
N ALA A 218 0.99 5.46 27.23
CA ALA A 218 -0.04 6.26 27.88
C ALA A 218 -1.13 6.64 26.88
N ARG A 219 -0.77 6.87 25.62
CA ARG A 219 -1.75 7.16 24.57
C ARG A 219 -2.64 5.94 24.27
N LEU A 220 -2.02 4.77 24.14
CA LEU A 220 -2.74 3.52 23.88
C LEU A 220 -3.75 3.20 24.99
N LYS A 221 -3.34 3.32 26.26
CA LYS A 221 -4.30 3.13 27.35
C LYS A 221 -5.52 4.04 27.20
N GLU A 222 -5.29 5.33 26.94
CA GLU A 222 -6.41 6.27 26.84
C GLU A 222 -7.32 5.96 25.65
N VAL A 223 -6.76 5.48 24.54
CA VAL A 223 -7.59 5.16 23.39
C VAL A 223 -8.32 3.83 23.60
N MET A 224 -7.70 2.85 24.26
CA MET A 224 -8.33 1.55 24.42
C MET A 224 -9.47 1.60 25.42
N LYS A 225 -9.39 2.50 26.39
CA LYS A 225 -10.53 2.80 27.27
C LYS A 225 -11.65 3.47 26.48
N ALA A 226 -11.30 4.36 25.55
CA ALA A 226 -12.32 5.00 24.70
C ALA A 226 -13.00 3.99 23.80
N ILE A 227 -12.24 3.02 23.27
CA ILE A 227 -12.82 1.97 22.42
C ILE A 227 -13.81 1.13 23.23
N ASP A 228 -13.41 0.72 24.43
CA ASP A 228 -14.27 -0.13 25.27
C ASP A 228 -15.60 0.55 25.58
N ARG A 229 -15.59 1.85 25.87
CA ARG A 229 -16.84 2.56 26.06
C ARG A 229 -17.67 2.52 24.79
N ALA A 230 -17.07 2.89 23.65
CA ALA A 230 -17.81 2.97 22.40
C ALA A 230 -18.38 1.62 21.97
N GLU A 231 -17.66 0.52 22.21
CA GLU A 231 -18.20 -0.79 21.85
C GLU A 231 -19.38 -1.14 22.76
N LYS A 232 -19.29 -0.76 24.02
CA LYS A 232 -20.35 -1.13 24.97
C LYS A 232 -21.63 -0.36 24.73
N GLU A 233 -21.52 0.88 24.27
CA GLU A 233 -22.66 1.74 24.01
C GLU A 233 -23.28 1.51 22.63
N THR A 234 -22.45 1.29 21.60
CA THR A 234 -22.94 1.09 20.23
C THR A 234 -23.29 -0.35 19.93
N GLY A 235 -22.70 -1.32 20.63
CA GLY A 235 -22.80 -2.71 20.21
C GLY A 235 -21.91 -3.10 19.04
N GLU A 236 -21.05 -2.18 18.56
CA GLU A 236 -20.24 -2.38 17.36
C GLU A 236 -18.77 -2.45 17.79
N ARG A 237 -18.07 -3.47 17.31
CA ARG A 237 -16.61 -3.55 17.45
C ARG A 237 -15.92 -2.33 16.80
N LYS A 238 -14.79 -1.91 17.39
CA LYS A 238 -14.01 -0.80 16.88
CA LYS A 238 -14.00 -0.78 16.94
C LYS A 238 -12.54 -1.16 17.07
N GLY A 239 -11.69 -0.47 16.36
CA GLY A 239 -10.26 -0.78 16.43
C GLY A 239 -9.44 0.48 16.35
N TYR A 240 -8.13 0.36 16.67
CA TYR A 240 -7.23 1.51 16.70
C TYR A 240 -6.03 1.20 15.80
N LEU A 241 -5.74 2.07 14.83
CA LEU A 241 -4.57 1.83 13.96
C LEU A 241 -3.44 2.59 14.66
N ALA A 242 -2.78 1.89 15.59
CA ALA A 242 -1.75 2.47 16.44
C ALA A 242 -0.44 2.46 15.71
N ASN A 243 0.22 3.62 15.66
CA ASN A 243 1.46 3.73 14.88
C ASN A 243 2.64 3.19 15.71
N VAL A 244 3.19 2.06 15.28
CA VAL A 244 4.31 1.40 15.98
C VAL A 244 5.63 1.69 15.29
N THR A 245 5.63 2.63 14.33
CA THR A 245 6.86 3.02 13.63
C THR A 245 7.91 3.44 14.65
N ALA A 246 9.09 2.78 14.59
CA ALA A 246 10.07 2.91 15.68
C ALA A 246 11.30 2.10 15.34
N PRO A 247 12.44 2.37 15.98
CA PRO A 247 13.54 1.41 15.89
C PRO A 247 13.01 0.03 16.33
N ILE A 248 13.67 -1.03 15.85
CA ILE A 248 13.14 -2.41 15.93
C ILE A 248 12.78 -2.79 17.38
N ARG A 249 13.71 -2.62 18.33
CA ARG A 249 13.38 -3.00 19.71
C ARG A 249 12.18 -2.21 20.25
N GLU A 250 12.07 -0.91 19.93
CA GLU A 250 10.90 -0.15 20.42
C GLU A 250 9.63 -0.61 19.72
N MET A 251 9.72 -0.95 18.42
CA MET A 251 8.53 -1.44 17.70
C MET A 251 8.03 -2.75 18.29
N GLU A 252 8.97 -3.66 18.57
CA GLU A 252 8.61 -4.96 19.17
C GLU A 252 7.85 -4.77 20.47
N LYS A 253 8.30 -3.85 21.32
CA LYS A 253 7.57 -3.63 22.58
C LYS A 253 6.19 -3.07 22.32
N ARG A 254 6.08 -2.16 21.34
CA ARG A 254 4.81 -1.49 21.09
C ARG A 254 3.82 -2.45 20.46
N ILE A 255 4.29 -3.38 19.61
CA ILE A 255 3.39 -4.35 19.03
C ILE A 255 2.85 -5.29 20.12
N LYS A 256 3.71 -5.63 21.08
CA LYS A 256 3.20 -6.48 22.18
C LYS A 256 2.23 -5.71 23.08
N LEU A 257 2.49 -4.42 23.33
CA LEU A 257 1.54 -3.66 24.14
C LEU A 257 0.19 -3.55 23.46
N VAL A 258 0.19 -3.32 22.14
CA VAL A 258 -1.06 -3.32 21.38
C VAL A 258 -1.79 -4.65 21.54
N ALA A 259 -1.08 -5.75 21.35
CA ALA A 259 -1.66 -7.07 21.51
C ALA A 259 -2.18 -7.29 22.94
N ASP A 260 -1.36 -6.94 23.95
CA ASP A 260 -1.78 -7.18 25.35
C ASP A 260 -3.02 -6.38 25.72
N TYR A 261 -3.26 -5.24 25.07
CA TYR A 261 -4.48 -4.47 25.35
C TYR A 261 -5.66 -4.92 24.52
N GLY A 262 -5.58 -6.05 23.84
CA GLY A 262 -6.74 -6.53 23.13
C GLY A 262 -7.07 -5.77 21.85
N ASN A 263 -6.16 -4.89 21.36
CA ASN A 263 -6.37 -4.25 20.06
C ASN A 263 -5.84 -5.16 18.96
N LYS A 264 -6.44 -5.07 17.77
CA LYS A 264 -6.20 -6.04 16.72
C LYS A 264 -5.42 -5.47 15.55
N PHE A 265 -4.99 -4.22 15.65
CA PHE A 265 -4.36 -3.54 14.52
C PHE A 265 -3.07 -2.84 14.97
N ILE A 266 -2.06 -2.81 14.07
CA ILE A 266 -0.91 -1.92 14.18
C ILE A 266 -0.75 -1.22 12.85
N MET A 267 -0.19 -0.01 12.88
CA MET A 267 0.19 0.71 11.69
C MET A 267 1.69 0.87 11.65
N ILE A 268 2.27 0.77 10.45
CA ILE A 268 3.71 0.95 10.27
C ILE A 268 3.96 1.76 8.99
N ASP A 269 4.84 2.73 9.11
CA ASP A 269 5.27 3.53 7.95
C ASP A 269 6.31 2.67 7.27
N PHE A 270 5.91 1.87 6.28
CA PHE A 270 6.85 0.82 5.88
C PHE A 270 8.00 1.34 5.02
N LEU A 271 7.90 2.54 4.46
CA LEU A 271 9.04 3.06 3.69
C LEU A 271 9.99 3.84 4.57
N THR A 272 9.52 4.46 5.65
CA THR A 272 10.45 5.18 6.53
C THR A 272 11.06 4.29 7.62
N ALA A 273 10.31 3.31 8.13
CA ALA A 273 10.94 2.27 8.97
C ALA A 273 11.71 1.28 8.09
N GLY A 274 11.17 0.94 6.93
CA GLY A 274 11.87 0.15 5.96
C GLY A 274 11.24 -1.26 5.77
N TRP A 275 11.58 -1.87 4.64
CA TRP A 275 10.99 -3.17 4.30
C TRP A 275 11.31 -4.23 5.34
N ALA A 276 12.54 -4.25 5.87
CA ALA A 276 12.82 -5.29 6.86
C ALA A 276 11.94 -5.09 8.09
N ALA A 277 11.73 -3.84 8.49
CA ALA A 277 10.83 -3.59 9.64
C ALA A 277 9.43 -4.09 9.35
N LEU A 278 8.95 -3.86 8.14
CA LEU A 278 7.59 -4.34 7.80
C LEU A 278 7.54 -5.85 7.87
N GLN A 279 8.55 -6.54 7.28
CA GLN A 279 8.50 -8.00 7.32
C GLN A 279 8.61 -8.53 8.75
N HIS A 280 9.41 -7.87 9.60
CA HIS A 280 9.47 -8.23 11.02
C HIS A 280 8.12 -7.99 11.72
N ALA A 281 7.49 -6.85 11.44
CA ALA A 281 6.14 -6.61 12.01
C ALA A 281 5.16 -7.70 11.55
N ARG A 282 5.35 -8.22 10.33
CA ARG A 282 4.45 -9.25 9.84
C ARG A 282 4.64 -10.55 10.60
N GLU A 283 5.89 -10.85 10.97
CA GLU A 283 6.08 -12.02 11.83
C GLU A 283 5.47 -11.83 13.19
N LEU A 284 5.62 -10.64 13.80
CA LEU A 284 4.96 -10.47 15.10
C LEU A 284 3.44 -10.47 14.96
N ALA A 285 2.91 -9.95 13.86
CA ALA A 285 1.47 -10.05 13.66
C ALA A 285 1.01 -11.50 13.60
N GLU A 286 1.78 -12.37 12.95
CA GLU A 286 1.47 -13.80 12.98
C GLU A 286 1.38 -14.29 14.44
N GLU A 287 2.41 -13.99 15.22
CA GLU A 287 2.49 -14.46 16.60
C GLU A 287 1.30 -13.96 17.42
N TYR A 288 0.90 -12.70 17.22
CA TYR A 288 -0.05 -12.01 18.09
C TYR A 288 -1.41 -11.86 17.45
N ASP A 289 -1.63 -12.43 16.26
CA ASP A 289 -2.93 -12.42 15.60
C ASP A 289 -3.46 -10.99 15.34
N LEU A 290 -2.62 -10.16 14.66
CA LEU A 290 -2.93 -8.78 14.37
C LEU A 290 -3.05 -8.56 12.85
N ALA A 291 -3.72 -7.49 12.46
CA ALA A 291 -3.70 -6.96 11.11
C ALA A 291 -2.76 -5.74 11.08
N ILE A 292 -2.23 -5.42 9.88
CA ILE A 292 -1.27 -4.34 9.69
C ILE A 292 -1.78 -3.33 8.70
N HIS A 293 -1.81 -2.07 9.10
CA HIS A 293 -2.07 -0.98 8.20
C HIS A 293 -0.71 -0.44 7.72
N GLY A 294 -0.44 -0.55 6.42
CA GLY A 294 0.81 0.03 5.91
C GLY A 294 0.68 1.46 5.44
N HIS A 295 1.42 2.40 6.04
CA HIS A 295 1.34 3.79 5.63
C HIS A 295 2.48 4.02 4.65
N ARG A 296 2.21 4.66 3.53
CA ARG A 296 3.27 4.76 2.50
C ARG A 296 4.06 6.07 2.52
N ALA A 297 4.09 6.80 3.64
CA ALA A 297 4.87 8.05 3.67
C ALA A 297 6.28 7.82 3.17
N PHE A 298 6.74 8.74 2.30
CA PHE A 298 8.02 8.87 1.61
C PHE A 298 7.90 8.40 0.17
N HIS A 299 6.82 7.64 -0.16
CA HIS A 299 6.74 7.07 -1.52
C HIS A 299 6.80 8.15 -2.59
N ALA A 300 6.30 9.37 -2.33
CA ALA A 300 6.23 10.31 -3.43
C ALA A 300 7.58 10.96 -3.76
N ALA A 301 8.62 10.65 -2.96
CA ALA A 301 9.96 11.07 -3.36
C ALA A 301 10.43 10.31 -4.60
N PHE A 302 9.86 9.14 -4.82
CA PHE A 302 10.30 8.38 -5.98
C PHE A 302 9.19 7.78 -6.84
N THR A 303 7.90 7.92 -6.48
CA THR A 303 6.84 7.36 -7.35
C THR A 303 6.16 8.43 -8.22
N ARG A 304 6.54 9.71 -8.13
CA ARG A 304 5.86 10.75 -8.91
C ARG A 304 6.35 10.89 -10.36
N ASN A 305 7.64 10.74 -10.61
CA ASN A 305 8.25 11.09 -11.91
C ASN A 305 8.00 9.93 -12.85
N PRO A 306 7.20 10.08 -13.91
CA PRO A 306 6.96 8.91 -14.77
C PRO A 306 8.22 8.40 -15.47
N LYS A 307 9.31 9.16 -15.44
CA LYS A 307 10.51 8.76 -16.15
C LYS A 307 11.60 8.19 -15.23
N HIS A 308 11.38 8.23 -13.92
CA HIS A 308 12.46 7.77 -13.01
C HIS A 308 11.93 7.41 -11.65
N GLY A 309 12.24 6.20 -11.19
CA GLY A 309 11.79 5.90 -9.82
C GLY A 309 11.10 4.54 -9.85
N VAL A 310 10.08 4.39 -9.03
CA VAL A 310 9.33 3.11 -8.91
C VAL A 310 7.85 3.46 -9.03
N SER A 311 7.07 2.69 -9.79
CA SER A 311 5.65 3.00 -9.85
C SER A 311 5.00 2.68 -8.51
N MET A 312 3.96 3.46 -8.16
CA MET A 312 3.25 3.14 -6.92
C MET A 312 2.60 1.77 -7.06
N PHE A 313 2.23 1.39 -8.29
CA PHE A 313 1.71 0.04 -8.54
C PHE A 313 2.64 -1.02 -7.94
N LEU A 314 3.93 -0.93 -8.23
CA LEU A 314 4.85 -1.96 -7.76
C LEU A 314 5.06 -1.84 -6.25
N VAL A 315 5.09 -0.61 -5.73
CA VAL A 315 5.21 -0.49 -4.28
C VAL A 315 4.02 -1.20 -3.61
N ALA A 316 2.82 -1.02 -4.15
CA ALA A 316 1.64 -1.69 -3.59
C ALA A 316 1.74 -3.20 -3.70
N LYS A 317 2.23 -3.70 -4.82
CA LYS A 317 2.41 -5.15 -4.96
C LYS A 317 3.43 -5.70 -3.94
N LEU A 318 4.52 -4.97 -3.72
CA LEU A 318 5.50 -5.45 -2.73
C LEU A 318 4.92 -5.37 -1.32
N ALA A 319 4.14 -4.32 -1.03
CA ALA A 319 3.48 -4.23 0.29
C ALA A 319 2.52 -5.40 0.54
N ARG A 320 1.82 -5.85 -0.48
CA ARG A 320 0.93 -6.99 -0.33
C ARG A 320 1.73 -8.28 -0.11
N MET A 321 2.81 -8.45 -0.86
CA MET A 321 3.69 -9.62 -0.62
C MET A 321 4.25 -9.62 0.80
N ALA A 322 4.72 -8.45 1.26
CA ALA A 322 5.40 -8.39 2.56
C ALA A 322 4.41 -8.56 3.68
N GLY A 323 3.15 -8.15 3.46
CA GLY A 323 2.11 -8.55 4.38
C GLY A 323 1.32 -7.44 5.03
N VAL A 324 1.16 -6.25 4.38
CA VAL A 324 0.13 -5.31 4.89
C VAL A 324 -1.25 -5.90 4.65
N ASP A 325 -2.19 -5.55 5.54
CA ASP A 325 -3.60 -5.87 5.30
C ASP A 325 -4.35 -4.71 4.69
N HIS A 326 -3.81 -3.48 4.80
CA HIS A 326 -4.44 -2.30 4.22
C HIS A 326 -3.35 -1.44 3.59
N VAL A 327 -3.66 -0.76 2.48
CA VAL A 327 -2.62 0.13 1.91
C VAL A 327 -3.30 1.23 1.09
N HIS A 328 -2.73 2.41 1.13
CA HIS A 328 -3.36 3.53 0.44
C HIS A 328 -2.98 3.44 -1.04
N VAL A 329 -3.97 3.58 -1.92
CA VAL A 329 -3.79 3.44 -3.36
C VAL A 329 -3.81 4.78 -4.07
N GLY A 330 -3.90 5.88 -3.34
CA GLY A 330 -3.97 7.15 -4.02
C GLY A 330 -5.36 7.45 -4.54
N THR A 331 -5.53 8.72 -5.02
CA THR A 331 -6.82 9.40 -4.97
C THR A 331 -7.55 9.39 -6.33
N PRO A 332 -8.82 8.94 -6.37
CA PRO A 332 -9.65 8.75 -7.58
C PRO A 332 -10.62 9.90 -7.89
N MET A 337 -13.35 10.51 -16.33
CA MET A 337 -12.29 9.52 -16.10
C MET A 337 -11.04 9.89 -16.91
N ASP A 338 -9.88 9.88 -16.24
CA ASP A 338 -8.59 10.30 -16.78
C ASP A 338 -7.48 9.30 -16.40
N ALA A 339 -6.24 9.67 -16.79
CA ALA A 339 -5.10 8.75 -16.66
C ALA A 339 -4.82 8.41 -15.21
N LYS A 340 -4.78 9.42 -14.31
CA LYS A 340 -4.50 9.09 -12.91
C LYS A 340 -5.63 8.28 -12.28
N THR A 341 -6.89 8.52 -12.68
CA THR A 341 -7.95 7.69 -12.11
C THR A 341 -7.84 6.26 -12.61
N ARG A 342 -7.52 6.08 -13.89
CA ARG A 342 -7.25 4.76 -14.44
C ARG A 342 -6.20 4.05 -13.60
N GLU A 343 -5.16 4.77 -13.21
CA GLU A 343 -4.08 4.08 -12.53
C GLU A 343 -4.48 3.78 -11.08
N VAL A 344 -5.27 4.66 -10.45
CA VAL A 344 -5.78 4.31 -9.13
C VAL A 344 -6.59 3.04 -9.21
N LEU A 345 -7.32 2.85 -10.32
CA LEU A 345 -8.11 1.64 -10.49
C LEU A 345 -7.21 0.42 -10.68
N GLU A 346 -6.08 0.57 -11.38
CA GLU A 346 -5.13 -0.53 -11.49
C GLU A 346 -4.49 -0.87 -10.14
N HIS A 347 -4.18 0.17 -9.33
CA HIS A 347 -3.69 -0.07 -7.97
C HIS A 347 -4.67 -0.90 -7.14
N THR A 348 -5.94 -0.54 -7.17
CA THR A 348 -6.92 -1.34 -6.40
C THR A 348 -6.98 -2.75 -6.94
N ARG A 349 -6.90 -2.91 -8.27
CA ARG A 349 -6.97 -4.26 -8.80
C ARG A 349 -5.78 -5.08 -8.37
N ILE A 350 -4.58 -4.51 -8.40
CA ILE A 350 -3.42 -5.35 -8.07
C ILE A 350 -3.39 -5.74 -6.58
N VAL A 351 -3.94 -4.94 -5.67
CA VAL A 351 -3.92 -5.34 -4.26
C VAL A 351 -5.11 -6.19 -3.86
N ARG A 352 -6.24 -6.18 -4.64
CA ARG A 352 -7.40 -6.94 -4.21
C ARG A 352 -7.59 -8.24 -4.97
N GLU A 353 -7.17 -8.32 -6.21
CA GLU A 353 -7.54 -9.46 -7.04
C GLU A 353 -6.74 -10.71 -6.76
N GLN A 354 -7.35 -11.87 -7.05
CA GLN A 354 -6.60 -13.11 -6.94
C GLN A 354 -5.79 -13.41 -8.19
N TYR A 355 -6.17 -12.81 -9.32
CA TYR A 355 -5.51 -13.03 -10.59
C TYR A 355 -5.59 -11.71 -11.35
N TYR A 356 -4.51 -10.96 -11.33
CA TYR A 356 -4.46 -9.69 -12.04
C TYR A 356 -4.08 -9.90 -13.49
N ARG A 357 -4.87 -9.34 -14.41
CA ARG A 357 -4.52 -9.34 -15.82
C ARG A 357 -4.59 -7.92 -16.36
N PRO A 358 -3.51 -7.39 -16.95
CA PRO A 358 -3.60 -6.07 -17.60
C PRO A 358 -4.63 -6.04 -18.73
N LYS A 359 -5.20 -4.86 -18.94
CA LYS A 359 -6.12 -4.74 -20.09
C LYS A 359 -5.36 -4.87 -21.41
N GLU A 360 -6.07 -5.25 -22.46
CA GLU A 360 -5.41 -5.49 -23.74
C GLU A 360 -4.62 -4.26 -24.18
N GLY A 361 -3.36 -4.47 -24.55
CA GLY A 361 -2.53 -3.36 -25.02
C GLY A 361 -1.84 -2.55 -23.96
N ASP A 362 -2.11 -2.81 -22.69
CA ASP A 362 -1.41 -2.10 -21.62
C ASP A 362 -0.06 -2.77 -21.40
N LEU A 363 1.03 -2.09 -21.74
CA LEU A 363 2.36 -2.69 -21.64
C LEU A 363 3.07 -2.33 -20.33
N PHE A 364 2.47 -1.46 -19.51
CA PHE A 364 3.10 -0.97 -18.30
C PHE A 364 2.91 -1.88 -17.08
N HIS A 365 2.10 -2.94 -17.22
CA HIS A 365 1.83 -3.85 -16.13
C HIS A 365 1.91 -5.26 -16.70
N LEU A 366 2.12 -6.22 -15.81
CA LEU A 366 2.27 -7.62 -16.23
C LEU A 366 1.16 -8.45 -15.60
N GLU A 367 0.87 -9.59 -16.21
CA GLU A 367 -0.10 -10.49 -15.60
C GLU A 367 0.50 -11.04 -14.30
N GLN A 368 -0.34 -11.22 -13.23
CA GLN A 368 0.14 -11.67 -11.92
C GLN A 368 -0.91 -12.52 -11.19
N PRO A 369 -0.75 -13.84 -11.14
CA PRO A 369 -1.56 -14.63 -10.19
C PRO A 369 -1.07 -14.44 -8.76
N TRP A 370 -1.99 -14.53 -7.82
CA TRP A 370 -1.66 -14.28 -6.42
C TRP A 370 -1.94 -15.50 -5.57
N SER A 371 -1.69 -16.69 -6.13
CA SER A 371 -1.96 -17.91 -5.40
C SER A 371 -1.34 -17.85 -3.99
N ASN A 372 -2.16 -18.12 -2.96
CA ASN A 372 -1.72 -18.12 -1.56
C ASN A 372 -1.36 -16.74 -0.98
N ILE A 373 -1.84 -15.64 -1.53
CA ILE A 373 -1.56 -14.31 -0.98
C ILE A 373 -2.92 -13.62 -0.84
N LYS A 374 -3.34 -13.31 0.40
CA LYS A 374 -4.70 -12.80 0.62
C LYS A 374 -4.81 -11.41 0.02
N PRO A 375 -6.01 -10.99 -0.36
CA PRO A 375 -6.21 -9.60 -0.84
C PRO A 375 -6.05 -8.57 0.26
N VAL A 376 -5.74 -7.36 -0.15
CA VAL A 376 -5.45 -6.22 0.71
C VAL A 376 -6.63 -5.24 0.62
N PHE A 377 -6.98 -4.55 1.72
CA PHE A 377 -7.95 -3.43 1.67
C PHE A 377 -7.31 -2.18 1.08
N PRO A 378 -7.77 -1.68 -0.06
CA PRO A 378 -7.32 -0.36 -0.51
C PRO A 378 -7.92 0.67 0.42
N VAL A 379 -7.15 1.72 0.66
CA VAL A 379 -7.60 2.84 1.48
C VAL A 379 -7.80 4.04 0.58
N ALA A 380 -8.98 4.65 0.67
CA ALA A 380 -9.27 5.85 -0.10
C ALA A 380 -9.28 7.06 0.84
N SER A 381 -8.78 8.18 0.36
CA SER A 381 -8.69 9.35 1.22
C SER A 381 -8.51 10.56 0.32
N GLY A 382 -8.71 11.72 0.90
CA GLY A 382 -8.60 12.95 0.12
C GLY A 382 -9.81 13.83 0.22
N GLY A 383 -10.04 14.40 1.40
CA GLY A 383 -11.12 15.35 1.53
C GLY A 383 -12.49 14.74 1.24
N LEU A 384 -12.71 13.50 1.66
CA LEU A 384 -14.01 12.86 1.41
C LEU A 384 -15.05 13.35 2.41
N HIS A 385 -16.15 13.85 1.89
CA HIS A 385 -17.32 14.32 2.64
C HIS A 385 -18.49 13.38 2.38
N PRO A 386 -19.53 13.40 3.21
CA PRO A 386 -20.66 12.48 2.95
C PRO A 386 -21.19 12.55 1.51
N GLY A 387 -21.28 13.73 0.91
CA GLY A 387 -21.84 13.85 -0.43
C GLY A 387 -21.09 13.03 -1.48
N THR A 388 -19.77 12.98 -1.38
CA THR A 388 -18.90 12.30 -2.33
C THR A 388 -18.84 10.78 -2.13
N LEU A 389 -19.31 10.24 -0.99
CA LEU A 389 -18.95 8.85 -0.65
C LEU A 389 -19.59 7.87 -1.62
N PRO A 390 -20.87 8.03 -2.01
CA PRO A 390 -21.45 7.05 -2.93
C PRO A 390 -20.69 6.89 -4.22
N GLU A 391 -20.18 7.97 -4.79
CA GLU A 391 -19.46 7.86 -6.06
C GLU A 391 -18.14 7.12 -5.88
N VAL A 392 -17.44 7.36 -4.78
CA VAL A 392 -16.20 6.63 -4.53
C VAL A 392 -16.49 5.13 -4.40
N ILE A 393 -17.55 4.79 -3.65
CA ILE A 393 -17.94 3.39 -3.49
C ILE A 393 -18.36 2.76 -4.82
N ARG A 394 -19.07 3.49 -5.69
CA ARG A 394 -19.46 2.92 -6.98
C ARG A 394 -18.23 2.66 -7.86
N VAL A 395 -17.24 3.56 -7.79
CA VAL A 395 -16.06 3.49 -8.63
C VAL A 395 -15.01 2.55 -8.03
N MET A 396 -14.77 2.61 -6.73
CA MET A 396 -13.72 1.77 -6.12
C MET A 396 -14.21 0.46 -5.54
N GLY A 397 -15.52 0.28 -5.44
CA GLY A 397 -16.12 -0.92 -4.88
C GLY A 397 -16.38 -0.82 -3.39
N LYS A 398 -17.15 -1.77 -2.85
CA LYS A 398 -17.42 -1.77 -1.42
C LYS A 398 -16.25 -2.23 -0.57
N ASP A 399 -15.29 -2.95 -1.13
CA ASP A 399 -14.19 -3.49 -0.34
C ASP A 399 -13.05 -2.47 -0.27
N ILE A 400 -13.29 -1.41 0.52
CA ILE A 400 -12.34 -0.32 0.73
C ILE A 400 -12.45 0.14 2.16
N ILE A 401 -11.41 0.83 2.62
CA ILE A 401 -11.46 1.64 3.82
C ILE A 401 -11.46 3.09 3.36
N MET A 402 -12.47 3.87 3.80
CA MET A 402 -12.47 5.29 3.52
C MET A 402 -12.01 6.08 4.72
N GLN A 403 -11.05 6.96 4.50
CA GLN A 403 -10.64 7.85 5.55
C GLN A 403 -11.44 9.13 5.43
N VAL A 404 -12.19 9.46 6.47
CA VAL A 404 -13.21 10.49 6.29
C VAL A 404 -13.08 11.52 7.39
N GLY A 405 -11.85 11.95 7.62
CA GLY A 405 -11.53 12.93 8.64
C GLY A 405 -12.24 14.27 8.60
N GLY A 406 -12.07 15.03 7.52
CA GLY A 406 -12.68 16.34 7.42
C GLY A 406 -14.20 16.26 7.52
N GLY A 407 -14.79 15.31 6.79
CA GLY A 407 -16.24 15.13 6.83
C GLY A 407 -16.78 14.88 8.24
N VAL A 408 -15.96 14.29 9.10
CA VAL A 408 -16.41 13.87 10.41
C VAL A 408 -16.19 14.95 11.47
N LEU A 409 -14.94 15.41 11.60
CA LEU A 409 -14.59 16.39 12.62
C LEU A 409 -15.10 17.78 12.30
N GLY A 410 -15.47 18.06 11.05
CA GLY A 410 -15.95 19.36 10.67
C GLY A 410 -17.47 19.51 10.61
N HIS A 411 -18.23 18.49 11.03
CA HIS A 411 -19.70 18.56 10.94
C HIS A 411 -20.25 19.64 11.86
N PRO A 412 -21.22 20.44 11.39
CA PRO A 412 -21.71 21.57 12.20
C PRO A 412 -22.23 21.16 13.57
N ASP A 413 -22.65 19.91 13.75
CA ASP A 413 -23.18 19.43 15.02
C ASP A 413 -22.19 18.59 15.81
N GLY A 414 -20.91 18.68 15.50
CA GLY A 414 -19.93 17.94 16.26
C GLY A 414 -19.61 16.60 15.62
N PRO A 415 -18.54 15.96 16.10
CA PRO A 415 -18.03 14.78 15.38
C PRO A 415 -18.93 13.56 15.48
N GLU A 416 -19.58 13.35 16.64
CA GLU A 416 -20.54 12.27 16.76
C GLU A 416 -21.56 12.32 15.63
N ALA A 417 -22.24 13.46 15.48
CA ALA A 417 -23.14 13.65 14.34
C ALA A 417 -22.40 13.53 13.01
N GLY A 418 -21.16 14.02 12.95
CA GLY A 418 -20.37 13.86 11.73
C GLY A 418 -20.14 12.42 11.33
N ALA A 419 -19.78 11.56 12.30
CA ALA A 419 -19.65 10.15 11.98
C ALA A 419 -21.01 9.55 11.58
N ARG A 420 -22.09 10.02 12.19
CA ARG A 420 -23.39 9.49 11.80
C ARG A 420 -23.74 9.90 10.37
N ALA A 421 -23.41 11.13 9.98
CA ALA A 421 -23.68 11.55 8.61
C ALA A 421 -22.95 10.67 7.61
N VAL A 422 -21.64 10.41 7.85
CA VAL A 422 -20.90 9.53 6.95
C VAL A 422 -21.56 8.16 6.87
N ARG A 423 -21.97 7.59 8.02
CA ARG A 423 -22.60 6.27 8.03
C ARG A 423 -23.94 6.29 7.29
N GLN A 424 -24.70 7.36 7.45
CA GLN A 424 -25.95 7.44 6.69
C GLN A 424 -25.67 7.57 5.21
N ALA A 425 -24.64 8.34 4.84
CA ALA A 425 -24.26 8.46 3.45
C ALA A 425 -23.86 7.10 2.88
N VAL A 426 -23.08 6.32 3.65
CA VAL A 426 -22.73 4.96 3.22
C VAL A 426 -23.96 4.07 3.12
N GLU A 427 -24.89 4.25 4.08
CA GLU A 427 -26.15 3.50 4.09
C GLU A 427 -26.97 3.76 2.82
N ALA A 428 -27.05 5.01 2.39
CA ALA A 428 -27.74 5.33 1.14
C ALA A 428 -27.11 4.60 -0.03
N ALA A 429 -25.78 4.55 -0.09
CA ALA A 429 -25.09 3.87 -1.17
C ALA A 429 -25.35 2.36 -1.15
N MET A 430 -25.27 1.73 0.02
CA MET A 430 -25.58 0.30 0.13
C MET A 430 -27.01 -0.01 -0.28
N LYS A 431 -27.94 0.88 0.06
CA LYS A 431 -29.37 0.69 -0.22
C LYS A 431 -29.80 1.20 -1.59
N GLY A 432 -28.90 1.80 -2.36
CA GLY A 432 -29.23 2.28 -3.70
C GLY A 432 -30.17 3.45 -3.70
N ILE A 433 -30.12 4.29 -2.67
CA ILE A 433 -31.03 5.41 -2.53
C ILE A 433 -30.28 6.70 -2.86
N SER A 434 -30.91 7.58 -3.60
CA SER A 434 -30.32 8.88 -3.88
C SER A 434 -30.07 9.62 -2.58
N LEU A 435 -28.97 10.39 -2.56
CA LEU A 435 -28.62 11.10 -1.34
C LEU A 435 -29.66 12.14 -0.99
N ASP A 436 -30.13 12.89 -2.00
CA ASP A 436 -31.20 13.88 -1.76
C ASP A 436 -32.41 13.23 -1.09
N GLU A 437 -32.84 12.07 -1.57
CA GLU A 437 -33.97 11.37 -0.98
C GLU A 437 -33.65 10.88 0.44
N TYR A 438 -32.46 10.30 0.63
CA TYR A 438 -32.12 9.78 1.95
C TYR A 438 -32.05 10.91 2.96
N ALA A 439 -31.54 12.07 2.54
CA ALA A 439 -31.29 13.19 3.42
C ALA A 439 -32.56 13.94 3.77
N ARG A 440 -33.66 13.24 3.90
CA ARG A 440 -34.88 13.90 4.35
C ARG A 440 -35.42 13.30 5.60
N GLU A 441 -35.18 12.02 5.84
CA GLU A 441 -35.46 11.48 7.14
C GLU A 441 -34.19 11.25 7.92
N HIS A 442 -33.09 11.92 7.56
CA HIS A 442 -31.80 11.71 8.22
C HIS A 442 -31.11 13.05 8.46
N ARG A 443 -31.24 13.56 9.70
CA ARG A 443 -30.84 14.92 10.06
C ARG A 443 -29.34 15.14 9.85
N GLU A 444 -28.51 14.34 10.53
CA GLU A 444 -27.06 14.53 10.50
C GLU A 444 -26.54 14.64 9.07
N LEU A 445 -26.91 13.69 8.23
CA LEU A 445 -26.56 13.75 6.81
C LEU A 445 -27.11 15.01 6.15
N ALA A 446 -28.33 15.42 6.52
CA ALA A 446 -28.95 16.54 5.84
C ALA A 446 -28.00 17.73 5.84
N ARG A 447 -27.38 18.01 7.00
CA ARG A 447 -26.53 19.18 7.09
C ARG A 447 -25.18 18.96 6.43
N ALA A 448 -24.72 17.71 6.34
CA ALA A 448 -23.53 17.41 5.57
C ALA A 448 -23.72 17.80 4.11
N LEU A 449 -24.89 17.49 3.53
CA LEU A 449 -25.14 17.88 2.15
C LEU A 449 -25.31 19.40 2.04
N GLU A 450 -25.99 20.00 3.02
CA GLU A 450 -26.04 21.46 3.12
C GLU A 450 -24.63 22.07 3.08
N LYS A 451 -23.76 21.63 3.99
CA LYS A 451 -22.48 22.29 4.21
C LYS A 451 -21.48 22.04 3.07
N TRP A 452 -21.29 20.78 2.67
CA TRP A 452 -20.26 20.47 1.69
C TRP A 452 -20.80 20.03 0.34
N GLY A 453 -22.05 19.59 0.26
CA GLY A 453 -22.62 19.26 -1.03
C GLY A 453 -21.97 18.06 -1.65
N TYR A 454 -21.73 18.16 -2.95
CA TYR A 454 -21.30 17.01 -3.76
C TYR A 454 -19.87 17.08 -4.23
N VAL A 455 -19.06 18.03 -3.74
CA VAL A 455 -17.58 18.05 -3.93
C VAL A 455 -16.95 16.71 -4.35
#